data_4MCV
#
_entry.id   4MCV
#
_cell.length_a   42.342
_cell.length_b   63.344
_cell.length_c   73.618
_cell.angle_alpha   100.340
_cell.angle_beta   90.810
_cell.angle_gamma   89.950
#
_symmetry.space_group_name_H-M   'P 1'
#
loop_
_entity.id
_entity.type
_entity.pdbx_description
1 polymer 'Proto-oncogene tyrosine-protein kinase Src'
2 non-polymer (7S)-12-(4-aminobutyl)-7-(2-methylpropyl)-6,7,12,13-tetrahydro-5H-indolo[2,3-a]pyrrolo[3,4-c]carbazol-5-one
#
_entity_poly.entity_id   1
_entity_poly.type   'polypeptide(L)'
_entity_poly.pdbx_seq_one_letter_code
;AKDAWEIPRESLRLEVKLGQGCFGEVWMGTWNGTTRVAIKTLKPGTMSPEAFLQEAQVMKKLRHEKLVQLYAVVSEEPIY
IVGEYMSKGSLLDFLKGEMGKYLRLPQLVDMAAQIASGMAYVERMNYVHRDLRAANILVGENLVCKVADFGLARLIEDNE
YTARQGAKFPIKWTAPEAALYGRFTIKSDVWSFGILLTELTTKGRVPYPGMVNREVLDQVERGYRMPCPPECPESLHDLM
CQCWRKDPEERPTFEYLQAFLEDYFTSTEPQYQPGENL
;
_entity_poly.pdbx_strand_id   A,B
#
loop_
_chem_comp.id
_chem_comp.type
_chem_comp.name
_chem_comp.formula
29K non-polymer (7S)-12-(4-aminobutyl)-7-(2-methylpropyl)-6,7,12,13-tetrahydro-5H-indolo[2,3-a]pyrrolo[3,4-c]carbazol-5-one 'C28 H30 N4 O'
#
# COMPACT_ATOMS: atom_id res chain seq x y z
N ALA A 1 7.71 -24.36 41.37
CA ALA A 1 8.33 -24.27 40.05
C ALA A 1 9.14 -22.99 39.91
N LYS A 2 9.59 -22.71 38.69
CA LYS A 2 10.35 -21.50 38.42
C LYS A 2 9.94 -20.90 37.08
N ASP A 3 10.31 -19.64 36.87
CA ASP A 3 9.97 -18.94 35.64
C ASP A 3 11.21 -18.73 34.77
N ALA A 4 11.09 -19.08 33.49
CA ALA A 4 12.21 -18.98 32.57
C ALA A 4 12.66 -17.54 32.33
N TRP A 5 11.75 -16.58 32.53
CA TRP A 5 12.06 -15.18 32.31
C TRP A 5 12.48 -14.50 33.61
N GLU A 6 12.26 -15.19 34.73
CA GLU A 6 12.53 -14.63 36.05
C GLU A 6 14.02 -14.32 36.27
N ILE A 7 14.31 -13.07 36.59
CA ILE A 7 15.66 -12.65 36.92
C ILE A 7 15.71 -12.12 38.35
N PRO A 8 16.89 -12.19 38.99
CA PRO A 8 17.04 -11.64 40.34
C PRO A 8 16.77 -10.14 40.40
N ARG A 9 16.37 -9.66 41.57
CA ARG A 9 16.01 -8.26 41.76
C ARG A 9 17.22 -7.34 41.64
N GLU A 10 18.39 -7.84 42.03
CA GLU A 10 19.61 -7.05 42.03
C GLU A 10 20.26 -6.99 40.64
N SER A 11 19.57 -7.52 39.64
CA SER A 11 20.08 -7.53 38.27
C SER A 11 19.78 -6.21 37.56
N LEU A 12 18.86 -5.43 38.12
CA LEU A 12 18.44 -4.17 37.50
C LEU A 12 18.64 -2.98 38.45
N ARG A 13 18.43 -1.78 37.93
CA ARG A 13 18.58 -0.57 38.72
C ARG A 13 17.74 0.57 38.16
N LEU A 14 16.65 0.89 38.85
CA LEU A 14 15.75 1.96 38.43
C LEU A 14 16.43 3.32 38.55
N GLU A 15 16.28 4.15 37.52
CA GLU A 15 16.95 5.45 37.48
C GLU A 15 15.97 6.60 37.31
N VAL A 16 15.37 6.70 36.13
CA VAL A 16 14.49 7.81 35.81
C VAL A 16 13.04 7.34 35.61
N LYS A 17 12.10 8.02 36.26
CA LYS A 17 10.69 7.72 36.08
C LYS A 17 10.19 8.27 34.75
N LEU A 18 9.63 7.40 33.93
CA LEU A 18 9.18 7.79 32.59
C LEU A 18 7.74 8.29 32.59
N GLY A 19 7.01 7.97 33.66
CA GLY A 19 5.64 8.39 33.78
C GLY A 19 4.82 7.49 34.69
N GLN A 20 4.19 8.10 35.69
CA GLN A 20 3.37 7.35 36.63
C GLN A 20 2.03 6.94 35.99
N GLY A 21 1.48 5.83 36.46
CA GLY A 21 0.21 5.34 35.96
C GLY A 21 -0.76 5.10 37.10
N CYS A 22 -1.96 4.65 36.75
CA CYS A 22 -3.00 4.41 37.76
C CYS A 22 -2.94 2.98 38.31
N PHE A 23 -1.92 2.24 37.89
CA PHE A 23 -1.72 0.88 38.37
C PHE A 23 -0.24 0.65 38.69
N GLY A 24 0.56 1.69 38.50
CA GLY A 24 1.98 1.62 38.74
C GLY A 24 2.71 2.76 38.07
N GLU A 25 3.92 2.49 37.58
CA GLU A 25 4.69 3.49 36.84
C GLU A 25 5.76 2.84 35.98
N VAL A 26 6.34 3.62 35.07
CA VAL A 26 7.37 3.12 34.17
C VAL A 26 8.71 3.80 34.42
N TRP A 27 9.76 3.00 34.55
CA TRP A 27 11.09 3.53 34.85
C TRP A 27 12.13 3.13 33.82
N MET A 28 13.01 4.07 33.48
CA MET A 28 14.18 3.77 32.68
C MET A 28 15.29 3.32 33.63
N GLY A 29 16.04 2.30 33.24
CA GLY A 29 17.10 1.80 34.08
C GLY A 29 18.13 0.97 33.34
N THR A 30 19.03 0.36 34.10
CA THR A 30 20.05 -0.50 33.52
C THR A 30 19.95 -1.93 34.06
N TRP A 31 19.91 -2.89 33.14
CA TRP A 31 19.90 -4.29 33.48
C TRP A 31 21.33 -4.81 33.43
N ASN A 32 21.85 -5.21 34.60
CA ASN A 32 23.23 -5.66 34.74
C ASN A 32 24.26 -4.58 34.37
N GLY A 33 23.85 -3.32 34.48
CA GLY A 33 24.72 -2.20 34.20
C GLY A 33 25.21 -2.12 32.77
N THR A 34 24.47 -2.75 31.86
CA THR A 34 24.86 -2.78 30.45
C THR A 34 23.64 -2.67 29.54
N THR A 35 22.58 -3.36 29.91
CA THR A 35 21.36 -3.39 29.09
C THR A 35 20.41 -2.26 29.45
N ARG A 36 20.21 -1.34 28.52
CA ARG A 36 19.25 -0.26 28.69
C ARG A 36 17.82 -0.82 28.62
N VAL A 37 17.09 -0.73 29.72
CA VAL A 37 15.76 -1.32 29.79
C VAL A 37 14.70 -0.33 30.27
N ALA A 38 13.44 -0.77 30.22
CA ALA A 38 12.32 0.02 30.72
C ALA A 38 11.48 -0.82 31.68
N ILE A 39 11.57 -0.50 32.97
CA ILE A 39 10.93 -1.30 33.99
C ILE A 39 9.53 -0.79 34.33
N LYS A 40 8.53 -1.66 34.21
CA LYS A 40 7.16 -1.33 34.58
C LYS A 40 6.87 -1.85 35.98
N THR A 41 6.83 -0.93 36.95
CA THR A 41 6.66 -1.32 38.35
C THR A 41 5.20 -1.57 38.70
N LEU A 42 4.91 -1.55 39.99
CA LEU A 42 3.58 -1.85 40.49
C LEU A 42 3.22 -0.94 41.66
N LYS A 43 1.99 -0.45 41.67
CA LYS A 43 1.51 0.41 42.74
C LYS A 43 0.41 -0.29 43.54
N PRO A 44 0.79 -0.91 44.67
CA PRO A 44 -0.16 -1.62 45.54
C PRO A 44 -1.13 -0.64 46.21
N GLY A 45 -2.38 -1.05 46.38
CA GLY A 45 -2.82 -2.38 45.99
C GLY A 45 -4.13 -2.43 45.23
N THR A 46 -4.30 -1.51 44.27
CA THR A 46 -5.45 -1.57 43.36
C THR A 46 -5.33 -2.86 42.55
N MET A 47 -4.28 -2.91 41.73
CA MET A 47 -3.84 -4.14 41.11
C MET A 47 -2.40 -4.32 41.60
N SER A 48 -2.11 -5.29 42.48
CA SER A 48 -2.97 -6.41 42.92
C SER A 48 -3.34 -7.37 41.79
N PRO A 49 -2.43 -8.32 41.50
CA PRO A 49 -2.46 -9.25 40.35
C PRO A 49 -3.80 -9.93 40.10
N GLU A 50 -4.22 -9.91 38.84
CA GLU A 50 -5.40 -10.66 38.40
C GLU A 50 -5.27 -11.79 37.35
N ALA A 51 -4.07 -12.24 36.93
CA ALA A 51 -2.74 -11.84 37.40
C ALA A 51 -2.21 -10.63 36.65
N PHE A 52 -1.47 -9.78 37.36
CA PHE A 52 -0.87 -8.58 36.79
C PHE A 52 0.20 -8.96 35.77
N LEU A 53 0.71 -10.17 35.89
CA LEU A 53 1.73 -10.68 34.99
C LEU A 53 1.15 -11.09 33.63
N GLN A 54 -0.18 -11.06 33.53
CA GLN A 54 -0.85 -11.41 32.28
C GLN A 54 -0.45 -10.48 31.13
N GLU A 55 0.00 -9.28 31.50
CA GLU A 55 0.57 -8.36 30.52
C GLU A 55 1.79 -9.00 29.89
N ALA A 56 2.55 -9.74 30.70
CA ALA A 56 3.78 -10.37 30.24
C ALA A 56 3.56 -11.78 29.68
N GLN A 57 2.55 -12.47 30.18
CA GLN A 57 2.25 -13.83 29.76
C GLN A 57 2.04 -13.93 28.25
N VAL A 58 1.39 -12.92 27.70
CA VAL A 58 1.16 -12.84 26.26
C VAL A 58 2.42 -12.37 25.54
N MET A 59 3.19 -11.51 26.20
CA MET A 59 4.43 -11.00 25.63
C MET A 59 5.53 -12.06 25.60
N LYS A 60 5.27 -13.21 26.23
CA LYS A 60 6.18 -14.33 26.18
C LYS A 60 5.98 -15.12 24.89
N LYS A 61 4.72 -15.33 24.52
CA LYS A 61 4.38 -16.15 23.37
C LYS A 61 4.42 -15.36 22.06
N LEU A 62 4.71 -14.06 22.14
CA LEU A 62 4.78 -13.21 20.96
C LEU A 62 6.13 -12.52 20.82
N ARG A 63 6.62 -12.44 19.59
CA ARG A 63 7.89 -11.77 19.30
C ARG A 63 7.93 -11.26 17.86
N HIS A 64 8.12 -9.95 17.72
CA HIS A 64 8.20 -9.32 16.41
C HIS A 64 8.88 -7.97 16.53
N GLU A 65 9.52 -7.52 15.44
CA GLU A 65 10.27 -6.27 15.46
C GLU A 65 9.40 -5.04 15.69
N LYS A 66 8.12 -5.14 15.34
CA LYS A 66 7.20 -4.03 15.52
C LYS A 66 6.32 -4.23 16.75
N LEU A 67 6.75 -5.13 17.62
CA LEU A 67 6.10 -5.33 18.91
C LEU A 67 7.12 -5.04 20.01
N VAL A 68 6.69 -4.34 21.05
CA VAL A 68 7.57 -4.00 22.16
C VAL A 68 8.07 -5.27 22.85
N GLN A 69 9.39 -5.38 22.95
CA GLN A 69 10.02 -6.63 23.37
C GLN A 69 9.97 -6.84 24.89
N LEU A 70 9.70 -8.09 25.28
CA LEU A 70 9.75 -8.47 26.69
C LEU A 70 11.12 -9.04 27.01
N TYR A 71 11.71 -8.58 28.11
CA TYR A 71 13.03 -9.03 28.51
C TYR A 71 12.98 -10.00 29.67
N ALA A 72 12.38 -9.58 30.79
CA ALA A 72 12.32 -10.40 31.98
C ALA A 72 11.18 -9.98 32.91
N VAL A 73 10.99 -10.76 33.98
CA VAL A 73 9.97 -10.46 34.97
C VAL A 73 10.50 -10.65 36.39
N VAL A 74 9.76 -10.13 37.36
CA VAL A 74 10.07 -10.33 38.78
C VAL A 74 8.79 -10.72 39.52
N SER A 75 8.80 -11.90 40.14
CA SER A 75 7.59 -12.47 40.71
C SER A 75 7.32 -12.05 42.16
N GLU A 76 8.37 -11.65 42.87
CA GLU A 76 8.23 -11.25 44.27
C GLU A 76 7.99 -9.75 44.41
N GLU A 77 7.27 -9.36 45.45
CA GLU A 77 6.98 -7.96 45.71
C GLU A 77 8.24 -7.20 46.15
N PRO A 78 8.46 -5.99 45.58
CA PRO A 78 7.63 -5.33 44.56
C PRO A 78 7.79 -5.98 43.18
N ILE A 79 6.67 -6.26 42.52
CA ILE A 79 6.67 -6.90 41.22
C ILE A 79 7.17 -5.95 40.13
N TYR A 80 8.02 -6.47 39.26
CA TYR A 80 8.55 -5.68 38.14
C TYR A 80 8.39 -6.40 36.81
N ILE A 81 8.37 -5.62 35.72
CA ILE A 81 8.37 -6.19 34.37
C ILE A 81 9.40 -5.47 33.51
N VAL A 82 10.40 -6.22 33.05
CA VAL A 82 11.48 -5.65 32.25
C VAL A 82 11.20 -5.83 30.77
N GLY A 83 11.46 -4.79 29.97
CA GLY A 83 11.23 -4.86 28.55
C GLY A 83 11.96 -3.80 27.75
N GLU A 84 11.70 -3.78 26.45
CA GLU A 84 12.33 -2.83 25.54
C GLU A 84 12.01 -1.39 25.90
N TYR A 85 13.02 -0.53 25.82
CA TYR A 85 12.86 0.88 26.16
C TYR A 85 12.57 1.74 24.93
N MET A 86 11.44 2.44 24.97
CA MET A 86 11.04 3.33 23.88
C MET A 86 11.20 4.78 24.30
N SER A 87 12.20 5.46 23.72
CA SER A 87 12.62 6.78 24.18
C SER A 87 11.56 7.87 24.09
N LYS A 88 10.75 7.86 23.02
CA LYS A 88 9.82 8.96 22.77
C LYS A 88 8.45 8.78 23.41
N GLY A 89 8.25 7.65 24.09
CA GLY A 89 7.02 7.42 24.83
C GLY A 89 5.85 7.02 23.96
N SER A 90 4.66 7.50 24.32
CA SER A 90 3.43 7.16 23.61
C SER A 90 3.29 7.93 22.30
N LEU A 91 2.67 7.30 21.32
CA LEU A 91 2.43 7.93 20.02
C LEU A 91 1.50 9.13 20.15
N LEU A 92 0.49 8.99 21.02
CA LEU A 92 -0.47 10.07 21.24
C LEU A 92 0.23 11.30 21.81
N ASP A 93 1.07 11.09 22.82
CA ASP A 93 1.82 12.19 23.41
C ASP A 93 2.80 12.78 22.41
N PHE A 94 3.34 11.91 21.56
CA PHE A 94 4.30 12.32 20.54
C PHE A 94 3.63 13.17 19.47
N LEU A 95 2.44 12.78 19.05
CA LEU A 95 1.68 13.55 18.07
C LEU A 95 1.21 14.88 18.65
N LYS A 96 0.79 14.85 19.91
CA LYS A 96 0.32 16.06 20.59
C LYS A 96 1.50 16.94 21.02
N GLY A 97 2.70 16.36 21.04
CA GLY A 97 3.88 17.09 21.45
C GLY A 97 4.39 18.08 20.42
N GLU A 98 5.61 18.56 20.63
CA GLU A 98 6.23 19.52 19.73
C GLU A 98 6.45 18.94 18.33
N MET A 99 6.89 17.68 18.27
CA MET A 99 7.23 17.04 17.01
C MET A 99 6.02 16.88 16.08
N GLY A 100 4.84 16.82 16.67
CA GLY A 100 3.61 16.66 15.90
C GLY A 100 3.39 17.79 14.91
N LYS A 101 3.93 18.96 15.21
CA LYS A 101 3.79 20.13 14.36
C LYS A 101 4.58 19.98 13.06
N TYR A 102 5.69 19.26 13.12
CA TYR A 102 6.58 19.13 11.97
C TYR A 102 6.35 17.84 11.17
N LEU A 103 5.46 16.99 11.66
CA LEU A 103 5.14 15.74 10.95
C LEU A 103 4.29 15.99 9.71
N ARG A 104 4.63 15.31 8.62
CA ARG A 104 3.86 15.39 7.39
C ARG A 104 3.38 14.00 7.00
N LEU A 105 2.65 13.92 5.89
CA LEU A 105 2.09 12.66 5.42
C LEU A 105 3.09 11.51 5.22
N PRO A 106 4.26 11.77 4.60
CA PRO A 106 5.23 10.67 4.45
C PRO A 106 5.63 10.00 5.76
N GLN A 107 5.88 10.78 6.80
CA GLN A 107 6.27 10.21 8.09
C GLN A 107 5.10 9.52 8.76
N LEU A 108 3.92 10.14 8.69
CA LEU A 108 2.72 9.60 9.32
C LEU A 108 2.30 8.26 8.71
N VAL A 109 2.30 8.20 7.38
CA VAL A 109 1.90 6.98 6.69
C VAL A 109 2.89 5.85 6.98
N ASP A 110 4.17 6.21 7.03
CA ASP A 110 5.22 5.23 7.30
C ASP A 110 5.07 4.64 8.69
N MET A 111 4.67 5.48 9.65
CA MET A 111 4.46 5.01 11.01
C MET A 111 3.27 4.06 11.09
N ALA A 112 2.23 4.35 10.31
CA ALA A 112 1.05 3.49 10.25
C ALA A 112 1.39 2.14 9.63
N ALA A 113 2.33 2.17 8.69
CA ALA A 113 2.79 0.96 8.01
C ALA A 113 3.44 -0.01 9.00
N GLN A 114 4.27 0.53 9.89
CA GLN A 114 4.94 -0.28 10.90
C GLN A 114 3.93 -0.93 11.83
N ILE A 115 2.94 -0.15 12.26
CA ILE A 115 1.88 -0.66 13.11
C ILE A 115 1.09 -1.73 12.37
N ALA A 116 0.76 -1.46 11.11
CA ALA A 116 0.09 -2.43 10.26
C ALA A 116 0.95 -3.68 10.11
N SER A 117 2.26 -3.48 10.06
CA SER A 117 3.19 -4.59 9.96
C SER A 117 3.19 -5.40 11.26
N GLY A 118 3.19 -4.71 12.39
CA GLY A 118 3.14 -5.36 13.68
C GLY A 118 1.83 -6.11 13.89
N MET A 119 0.73 -5.49 13.46
CA MET A 119 -0.59 -6.11 13.60
C MET A 119 -0.78 -7.25 12.61
N ALA A 120 -0.05 -7.21 11.50
CA ALA A 120 -0.10 -8.28 10.52
C ALA A 120 0.48 -9.55 11.12
N TYR A 121 1.53 -9.39 11.93
CA TYR A 121 2.12 -10.50 12.65
C TYR A 121 1.14 -11.06 13.66
N VAL A 122 0.49 -10.18 14.40
CA VAL A 122 -0.53 -10.56 15.37
C VAL A 122 -1.66 -11.32 14.68
N GLU A 123 -1.98 -10.89 13.46
CA GLU A 123 -3.00 -11.55 12.64
C GLU A 123 -2.58 -12.98 12.29
N ARG A 124 -1.31 -13.16 11.99
CA ARG A 124 -0.78 -14.48 11.60
C ARG A 124 -0.73 -15.44 12.78
N MET A 125 -0.63 -14.89 13.99
CA MET A 125 -0.56 -15.70 15.20
C MET A 125 -1.95 -16.05 15.71
N ASN A 126 -2.97 -15.59 14.99
CA ASN A 126 -4.37 -15.76 15.39
C ASN A 126 -4.68 -15.13 16.74
N TYR A 127 -4.16 -13.92 16.95
CA TYR A 127 -4.42 -13.18 18.18
C TYR A 127 -5.24 -11.92 17.92
N VAL A 128 -5.80 -11.36 18.98
CA VAL A 128 -6.51 -10.09 18.91
C VAL A 128 -5.96 -9.13 19.96
N HIS A 129 -5.96 -7.84 19.66
CA HIS A 129 -5.40 -6.84 20.57
C HIS A 129 -6.46 -6.24 21.48
N ARG A 130 -7.65 -6.01 20.90
CA ARG A 130 -8.82 -5.53 21.65
C ARG A 130 -8.70 -4.10 22.17
N ASP A 131 -7.57 -3.44 21.91
CA ASP A 131 -7.39 -2.06 22.33
C ASP A 131 -6.31 -1.38 21.50
N LEU A 132 -6.47 -1.45 20.18
CA LEU A 132 -5.52 -0.84 19.25
C LEU A 132 -5.83 0.64 19.05
N ARG A 133 -4.95 1.50 19.55
CA ARG A 133 -5.09 2.95 19.39
C ARG A 133 -3.78 3.67 19.68
N ALA A 134 -3.73 4.95 19.30
CA ALA A 134 -2.50 5.75 19.37
C ALA A 134 -1.90 5.81 20.77
N ALA A 135 -2.75 5.74 21.79
CA ALA A 135 -2.28 5.78 23.17
C ALA A 135 -1.54 4.50 23.55
N ASN A 136 -1.84 3.42 22.84
CA ASN A 136 -1.20 2.13 23.10
C ASN A 136 -0.08 1.83 22.11
N ILE A 137 0.49 2.87 21.53
CA ILE A 137 1.57 2.71 20.57
C ILE A 137 2.82 3.45 21.03
N LEU A 138 3.90 2.70 21.22
CA LEU A 138 5.16 3.28 21.67
C LEU A 138 6.06 3.64 20.50
N VAL A 139 6.70 4.81 20.60
CA VAL A 139 7.56 5.30 19.54
C VAL A 139 8.99 5.51 20.06
N GLY A 140 9.97 5.06 19.28
CA GLY A 140 11.36 5.20 19.67
C GLY A 140 12.15 6.12 18.76
N GLU A 141 13.42 5.79 18.56
CA GLU A 141 14.29 6.60 17.70
C GLU A 141 14.01 6.35 16.23
N ASN A 142 14.28 7.36 15.41
CA ASN A 142 14.09 7.27 13.97
C ASN A 142 12.64 6.94 13.58
N LEU A 143 11.70 7.47 14.36
CA LEU A 143 10.27 7.31 14.11
C LEU A 143 9.80 5.86 14.02
N VAL A 144 10.44 4.97 14.77
CA VAL A 144 9.98 3.59 14.82
C VAL A 144 8.77 3.49 15.72
N CYS A 145 7.78 2.71 15.30
CA CYS A 145 6.56 2.53 16.08
C CYS A 145 6.35 1.05 16.39
N LYS A 146 5.97 0.75 17.62
CA LYS A 146 5.76 -0.62 18.04
C LYS A 146 4.48 -0.78 18.86
N VAL A 147 3.70 -1.81 18.53
CA VAL A 147 2.47 -2.10 19.25
C VAL A 147 2.77 -2.49 20.69
N ALA A 148 2.00 -1.96 21.63
CA ALA A 148 2.21 -2.23 23.05
C ALA A 148 0.89 -2.41 23.79
N ASP A 149 0.99 -2.58 25.10
CA ASP A 149 -0.18 -2.71 25.99
C ASP A 149 -1.10 -3.87 25.60
N PHE A 150 -0.83 -5.04 26.18
CA PHE A 150 -1.61 -6.23 25.87
C PHE A 150 -2.46 -6.69 27.06
N GLY A 151 -3.40 -5.85 27.44
CA GLY A 151 -4.33 -6.18 28.51
C GLY A 151 -5.51 -6.98 27.99
N LEU A 152 -5.64 -8.21 28.47
CA LEU A 152 -6.71 -9.12 28.03
C LEU A 152 -6.68 -9.39 26.52
N ALA A 153 -5.54 -9.13 25.90
CA ALA A 153 -5.35 -9.41 24.48
C ALA A 153 -4.90 -10.86 24.30
N ARG A 154 -5.81 -11.71 23.84
CA ARG A 154 -5.58 -13.14 23.80
C ARG A 154 -5.90 -13.77 22.45
N LEU A 155 -6.10 -15.09 22.46
CA LEU A 155 -6.40 -15.84 21.24
C LEU A 155 -7.83 -15.63 20.78
N ILE A 156 -8.28 -16.48 19.86
CA ILE A 156 -9.65 -16.44 19.37
C ILE A 156 -10.44 -17.63 19.92
N GLU A 157 -9.81 -18.39 20.81
CA GLU A 157 -10.43 -19.55 21.42
C GLU A 157 -9.76 -19.90 22.74
N PHE A 169 -13.30 2.86 28.73
CA PHE A 169 -13.87 2.11 27.62
C PHE A 169 -13.75 2.88 26.30
N PRO A 170 -12.77 2.49 25.46
CA PRO A 170 -12.53 3.15 24.18
C PRO A 170 -13.59 2.78 23.13
N ILE A 171 -14.83 3.19 23.37
CA ILE A 171 -15.92 2.89 22.47
C ILE A 171 -15.72 3.54 21.10
N LYS A 172 -15.11 4.73 21.11
CA LYS A 172 -14.86 5.47 19.88
C LYS A 172 -13.90 4.73 18.95
N TRP A 173 -12.97 3.99 19.55
CA TRP A 173 -12.00 3.23 18.78
C TRP A 173 -12.48 1.81 18.50
N THR A 174 -13.55 1.41 19.18
CA THR A 174 -14.05 0.04 19.11
C THR A 174 -15.12 -0.14 18.04
N ALA A 175 -15.11 -1.30 17.39
CA ALA A 175 -16.12 -1.65 16.40
C ALA A 175 -17.45 -1.95 17.09
N PRO A 176 -18.57 -1.63 16.42
CA PRO A 176 -19.92 -1.86 16.96
C PRO A 176 -20.16 -3.27 17.48
N GLU A 177 -19.79 -4.29 16.71
CA GLU A 177 -20.05 -5.67 17.11
C GLU A 177 -19.19 -6.09 18.30
N ALA A 178 -18.10 -5.35 18.54
CA ALA A 178 -17.23 -5.64 19.67
C ALA A 178 -17.70 -4.91 20.91
N ALA A 179 -18.37 -3.79 20.72
CA ALA A 179 -18.88 -2.99 21.84
C ALA A 179 -20.26 -3.46 22.29
N LEU A 180 -21.06 -3.91 21.33
CA LEU A 180 -22.44 -4.33 21.61
C LEU A 180 -22.53 -5.81 21.98
N TYR A 181 -21.86 -6.65 21.20
CA TYR A 181 -22.00 -8.10 21.36
C TYR A 181 -20.70 -8.78 21.80
N GLY A 182 -19.66 -7.97 22.00
CA GLY A 182 -18.38 -8.48 22.48
C GLY A 182 -17.69 -9.41 21.50
N ARG A 183 -17.94 -9.20 20.20
CA ARG A 183 -17.34 -10.03 19.16
C ARG A 183 -15.99 -9.45 18.71
N PHE A 184 -14.98 -9.61 19.56
CA PHE A 184 -13.64 -9.11 19.25
C PHE A 184 -12.89 -10.02 18.30
N THR A 185 -12.68 -9.55 17.07
CA THR A 185 -11.91 -10.29 16.08
C THR A 185 -10.73 -9.46 15.60
N ILE A 186 -9.94 -10.05 14.70
CA ILE A 186 -8.84 -9.32 14.08
C ILE A 186 -9.42 -8.27 13.13
N LYS A 187 -10.67 -8.50 12.71
CA LYS A 187 -11.38 -7.56 11.86
C LYS A 187 -11.95 -6.41 12.66
N SER A 188 -12.05 -6.60 13.97
CA SER A 188 -12.50 -5.53 14.87
C SER A 188 -11.31 -4.64 15.23
N ASP A 189 -10.12 -5.21 15.12
CA ASP A 189 -8.90 -4.44 15.30
C ASP A 189 -8.66 -3.55 14.08
N VAL A 190 -9.05 -4.05 12.91
CA VAL A 190 -8.95 -3.29 11.68
C VAL A 190 -9.75 -2.00 11.78
N TRP A 191 -10.94 -2.11 12.36
CA TRP A 191 -11.80 -0.96 12.63
C TRP A 191 -11.02 0.09 13.42
N SER A 192 -10.37 -0.36 14.48
CA SER A 192 -9.59 0.53 15.34
C SER A 192 -8.42 1.14 14.59
N PHE A 193 -7.88 0.40 13.63
CA PHE A 193 -6.79 0.90 12.81
C PHE A 193 -7.25 2.07 11.95
N GLY A 194 -8.47 1.98 11.45
CA GLY A 194 -9.06 3.07 10.68
C GLY A 194 -9.23 4.32 11.53
N ILE A 195 -9.61 4.11 12.79
CA ILE A 195 -9.74 5.21 13.74
C ILE A 195 -8.36 5.78 14.05
N LEU A 196 -7.38 4.89 14.14
CA LEU A 196 -5.99 5.28 14.38
C LEU A 196 -5.45 6.15 13.25
N LEU A 197 -5.91 5.87 12.03
CA LEU A 197 -5.50 6.65 10.86
C LEU A 197 -6.04 8.07 10.90
N THR A 198 -7.14 8.28 11.62
CA THR A 198 -7.68 9.63 11.80
C THR A 198 -6.88 10.37 12.85
N GLU A 199 -6.35 9.64 13.83
CA GLU A 199 -5.52 10.23 14.87
C GLU A 199 -4.18 10.70 14.30
N LEU A 200 -3.68 9.97 13.31
CA LEU A 200 -2.43 10.34 12.66
C LEU A 200 -2.60 11.54 11.74
N THR A 201 -3.73 11.60 11.05
CA THR A 201 -3.97 12.68 10.10
C THR A 201 -4.47 13.96 10.76
N THR A 202 -4.82 13.88 12.04
CA THR A 202 -5.23 15.05 12.80
C THR A 202 -4.20 15.35 13.87
N LYS A 203 -3.19 14.50 13.94
CA LYS A 203 -2.08 14.65 14.87
C LYS A 203 -2.52 14.64 16.34
N GLY A 204 -3.33 13.66 16.70
CA GLY A 204 -3.67 13.41 18.10
C GLY A 204 -5.04 13.84 18.56
N ARG A 205 -5.85 14.39 17.64
CA ARG A 205 -7.19 14.81 18.02
C ARG A 205 -8.10 13.62 18.27
N VAL A 206 -8.89 13.70 19.35
CA VAL A 206 -9.85 12.66 19.70
C VAL A 206 -10.86 12.47 18.59
N PRO A 207 -11.05 11.21 18.15
CA PRO A 207 -12.01 10.89 17.08
C PRO A 207 -13.43 11.30 17.47
N TYR A 208 -14.25 11.60 16.47
CA TYR A 208 -15.60 12.11 16.69
C TYR A 208 -15.60 13.35 17.58
N PRO A 209 -15.14 14.49 17.03
CA PRO A 209 -15.04 15.73 17.81
C PRO A 209 -16.42 16.28 18.18
N GLY A 210 -16.57 16.69 19.43
CA GLY A 210 -17.84 17.21 19.92
C GLY A 210 -18.92 16.16 19.88
N MET A 211 -18.60 14.96 20.38
CA MET A 211 -19.52 13.84 20.33
C MET A 211 -19.19 12.84 21.44
N VAL A 212 -20.19 12.52 22.26
CA VAL A 212 -19.98 11.65 23.41
C VAL A 212 -20.28 10.20 23.06
N ASN A 213 -19.91 9.28 23.96
CA ASN A 213 -20.00 7.84 23.72
C ASN A 213 -21.37 7.32 23.29
N ARG A 214 -22.43 7.86 23.89
CA ARG A 214 -23.77 7.36 23.61
C ARG A 214 -24.28 7.81 22.24
N GLU A 215 -24.04 9.07 21.90
CA GLU A 215 -24.53 9.61 20.63
C GLU A 215 -23.74 9.09 19.43
N VAL A 216 -22.47 8.75 19.63
CA VAL A 216 -21.66 8.23 18.53
C VAL A 216 -22.02 6.78 18.21
N LEU A 217 -22.29 5.99 19.24
CA LEU A 217 -22.66 4.59 19.05
C LEU A 217 -23.96 4.46 18.28
N ASP A 218 -24.90 5.36 18.56
CA ASP A 218 -26.18 5.39 17.85
C ASP A 218 -25.97 5.92 16.44
N GLN A 219 -25.12 6.94 16.33
CA GLN A 219 -24.87 7.58 15.04
C GLN A 219 -24.10 6.66 14.10
N VAL A 220 -23.15 5.91 14.67
CA VAL A 220 -22.36 4.95 13.89
C VAL A 220 -23.21 3.79 13.42
N GLU A 221 -24.08 3.31 14.31
CA GLU A 221 -24.96 2.19 13.98
C GLU A 221 -25.91 2.55 12.84
N ARG A 222 -26.27 3.82 12.75
CA ARG A 222 -27.12 4.30 11.67
C ARG A 222 -26.34 4.40 10.35
N GLY A 223 -25.02 4.47 10.45
CA GLY A 223 -24.19 4.44 9.25
C GLY A 223 -23.26 5.62 9.09
N TYR A 224 -23.24 6.52 10.06
CA TYR A 224 -22.38 7.69 10.00
C TYR A 224 -20.91 7.33 10.16
N ARG A 225 -20.07 7.91 9.31
CA ARG A 225 -18.63 7.74 9.39
C ARG A 225 -17.97 9.10 9.43
N MET A 226 -16.80 9.17 10.06
CA MET A 226 -16.05 10.43 10.15
C MET A 226 -15.67 10.94 8.75
N PRO A 227 -15.80 12.26 8.54
CA PRO A 227 -15.49 12.87 7.25
C PRO A 227 -13.99 12.87 6.97
N CYS A 228 -13.62 13.15 5.72
CA CYS A 228 -12.22 13.25 5.34
C CYS A 228 -11.57 14.45 6.02
N PRO A 229 -10.59 14.19 6.90
CA PRO A 229 -9.90 15.25 7.64
C PRO A 229 -9.17 16.21 6.71
N PRO A 230 -8.95 17.46 7.15
CA PRO A 230 -8.32 18.51 6.34
C PRO A 230 -6.98 18.10 5.74
N GLU A 231 -6.76 18.44 4.48
CA GLU A 231 -5.52 18.15 3.74
C GLU A 231 -5.24 16.66 3.52
N CYS A 232 -6.03 15.79 4.13
CA CYS A 232 -5.89 14.35 3.90
C CYS A 232 -6.45 13.99 2.53
N PRO A 233 -5.69 13.21 1.75
CA PRO A 233 -6.11 12.78 0.41
C PRO A 233 -7.28 11.80 0.46
N GLU A 234 -8.06 11.76 -0.63
CA GLU A 234 -9.24 10.91 -0.69
C GLU A 234 -8.88 9.43 -0.65
N SER A 235 -7.74 9.07 -1.21
CA SER A 235 -7.31 7.68 -1.27
C SER A 235 -7.05 7.09 0.11
N LEU A 236 -6.55 7.90 1.03
CA LEU A 236 -6.31 7.45 2.39
C LEU A 236 -7.61 7.41 3.20
N HIS A 237 -8.52 8.32 2.88
CA HIS A 237 -9.82 8.36 3.54
C HIS A 237 -10.65 7.14 3.14
N ASP A 238 -10.52 6.73 1.89
CA ASP A 238 -11.21 5.55 1.39
C ASP A 238 -10.77 4.32 2.17
N LEU A 239 -9.48 4.28 2.52
CA LEU A 239 -8.92 3.18 3.29
C LEU A 239 -9.55 3.12 4.67
N MET A 240 -9.81 4.30 5.24
CA MET A 240 -10.47 4.38 6.54
C MET A 240 -11.86 3.78 6.45
N CYS A 241 -12.58 4.15 5.40
CA CYS A 241 -13.95 3.69 5.20
C CYS A 241 -14.02 2.18 4.99
N GLN A 242 -13.03 1.63 4.30
CA GLN A 242 -12.94 0.19 4.10
C GLN A 242 -12.79 -0.51 5.45
N CYS A 243 -12.01 0.11 6.34
CA CYS A 243 -11.83 -0.42 7.69
C CYS A 243 -13.08 -0.20 8.54
N TRP A 244 -13.97 0.66 8.06
CA TRP A 244 -15.18 1.01 8.81
C TRP A 244 -16.44 0.40 8.23
N ARG A 245 -16.28 -0.59 7.36
CA ARG A 245 -17.42 -1.29 6.78
C ARG A 245 -18.24 -1.99 7.87
N LYS A 246 -19.56 -1.99 7.69
CA LYS A 246 -20.47 -2.53 8.71
C LYS A 246 -20.26 -4.02 8.92
N ASP A 247 -20.10 -4.76 7.83
CA ASP A 247 -19.86 -6.19 7.89
C ASP A 247 -18.36 -6.47 8.02
N PRO A 248 -17.92 -6.92 9.22
CA PRO A 248 -16.50 -7.08 9.54
C PRO A 248 -15.73 -8.02 8.62
N GLU A 249 -16.44 -8.91 7.93
CA GLU A 249 -15.77 -9.85 7.02
C GLU A 249 -15.28 -9.15 5.75
N GLU A 250 -15.82 -7.96 5.49
CA GLU A 250 -15.44 -7.21 4.30
C GLU A 250 -14.28 -6.26 4.56
N ARG A 251 -13.94 -6.09 5.83
CA ARG A 251 -12.80 -5.26 6.21
C ARG A 251 -11.50 -5.91 5.74
N PRO A 252 -10.54 -5.09 5.28
CA PRO A 252 -9.26 -5.57 4.75
C PRO A 252 -8.42 -6.26 5.81
N THR A 253 -7.51 -7.12 5.39
CA THR A 253 -6.56 -7.74 6.29
C THR A 253 -5.44 -6.74 6.59
N PHE A 254 -4.68 -6.98 7.65
CA PHE A 254 -3.54 -6.13 7.94
C PHE A 254 -2.43 -6.36 6.92
N GLU A 255 -2.46 -7.52 6.27
CA GLU A 255 -1.54 -7.84 5.19
C GLU A 255 -1.77 -6.87 4.03
N TYR A 256 -3.04 -6.58 3.77
CA TYR A 256 -3.39 -5.58 2.76
C TYR A 256 -3.02 -4.19 3.23
N LEU A 257 -3.33 -3.90 4.49
CA LEU A 257 -3.07 -2.59 5.08
C LEU A 257 -1.59 -2.25 5.07
N GLN A 258 -0.76 -3.21 5.46
CA GLN A 258 0.68 -3.01 5.49
C GLN A 258 1.23 -2.74 4.09
N ALA A 259 0.83 -3.57 3.13
CA ALA A 259 1.30 -3.44 1.76
C ALA A 259 0.82 -2.15 1.10
N PHE A 260 -0.42 -1.77 1.36
CA PHE A 260 -0.99 -0.55 0.79
C PHE A 260 -0.24 0.69 1.26
N LEU A 261 0.10 0.72 2.54
CA LEU A 261 0.77 1.86 3.14
C LEU A 261 2.23 1.96 2.72
N GLU A 262 2.91 0.81 2.66
CA GLU A 262 4.31 0.76 2.25
C GLU A 262 4.52 1.27 0.83
N ASP A 263 3.57 0.99 -0.05
CA ASP A 263 3.68 1.38 -1.45
C ASP A 263 2.84 2.62 -1.77
N TYR A 264 2.47 3.37 -0.74
CA TYR A 264 1.50 4.46 -0.88
C TYR A 264 1.92 5.56 -1.86
N PHE A 265 3.07 6.17 -1.61
CA PHE A 265 3.50 7.33 -2.40
C PHE A 265 4.10 6.97 -3.75
N THR A 266 3.88 5.74 -4.20
CA THR A 266 4.37 5.30 -5.49
C THR A 266 3.25 4.75 -6.36
N SER A 267 2.34 4.00 -5.74
CA SER A 267 1.29 3.31 -6.47
C SER A 267 -0.10 3.93 -6.24
N THR A 268 -0.22 4.74 -5.19
CA THR A 268 -1.50 5.34 -4.85
C THR A 268 -1.51 6.85 -5.08
N GLU A 269 -0.58 7.56 -4.43
CA GLU A 269 -0.46 9.00 -4.60
C GLU A 269 0.94 9.41 -5.04
N PRO A 270 1.24 9.19 -6.33
CA PRO A 270 2.58 9.51 -6.86
C PRO A 270 2.73 11.01 -7.10
N GLN A 271 1.63 11.76 -7.02
CA GLN A 271 1.66 13.19 -7.27
C GLN A 271 1.36 13.99 -6.00
N TYR A 272 1.82 13.48 -4.86
CA TYR A 272 1.60 14.13 -3.58
C TYR A 272 2.43 15.41 -3.44
N GLN A 273 1.77 16.50 -3.09
CA GLN A 273 2.45 17.76 -2.81
C GLN A 273 2.14 18.20 -1.39
N PRO A 274 3.19 18.43 -0.58
CA PRO A 274 3.07 18.82 0.83
C PRO A 274 2.25 20.09 1.02
N GLY A 275 1.45 20.12 2.08
CA GLY A 275 0.66 21.30 2.41
C GLY A 275 1.18 21.97 3.67
N GLU A 276 0.33 22.79 4.29
CA GLU A 276 0.72 23.51 5.50
C GLU A 276 0.76 22.59 6.72
N ASN A 277 -0.07 21.55 6.70
CA ASN A 277 -0.15 20.63 7.83
C ASN A 277 0.08 19.17 7.45
N LEU A 278 -0.26 18.83 6.21
CA LEU A 278 -0.08 17.47 5.71
C LEU A 278 0.58 17.45 4.34
N LYS B 2 -10.49 21.00 -38.84
CA LYS B 2 -9.56 20.49 -39.84
C LYS B 2 -9.01 19.12 -39.43
N ASP B 3 -9.91 18.16 -39.27
CA ASP B 3 -9.53 16.81 -38.88
C ASP B 3 -10.67 15.83 -39.15
N ALA B 4 -10.31 14.55 -39.26
CA ALA B 4 -11.31 13.51 -39.51
C ALA B 4 -11.79 12.89 -38.20
N TRP B 5 -11.06 13.15 -37.13
CA TRP B 5 -11.40 12.63 -35.81
C TRP B 5 -12.23 13.63 -35.01
N GLU B 6 -12.38 14.84 -35.56
CA GLU B 6 -13.10 15.91 -34.89
C GLU B 6 -14.61 15.66 -34.90
N ILE B 7 -15.22 15.78 -33.73
CA ILE B 7 -16.67 15.60 -33.60
C ILE B 7 -17.30 16.74 -32.81
N PRO B 8 -18.60 16.98 -33.02
CA PRO B 8 -19.32 17.97 -32.23
C PRO B 8 -19.31 17.63 -30.74
N ARG B 9 -19.03 18.62 -29.90
CA ARG B 9 -19.01 18.44 -28.46
C ARG B 9 -20.39 18.05 -27.93
N GLU B 10 -21.43 18.44 -28.65
CA GLU B 10 -22.80 18.17 -28.27
C GLU B 10 -23.11 16.68 -28.15
N SER B 11 -22.36 15.86 -28.88
CA SER B 11 -22.60 14.43 -28.94
C SER B 11 -22.24 13.70 -27.64
N LEU B 12 -21.38 14.32 -26.84
CA LEU B 12 -20.88 13.69 -25.62
C LEU B 12 -21.82 13.87 -24.42
N ARG B 13 -21.85 12.88 -23.55
CA ARG B 13 -22.66 12.92 -22.34
C ARG B 13 -21.92 12.32 -21.15
N LEU B 14 -21.14 13.13 -20.45
CA LEU B 14 -20.40 12.67 -19.28
C LEU B 14 -21.35 12.25 -18.16
N GLU B 15 -21.12 11.07 -17.60
CA GLU B 15 -22.02 10.52 -16.59
C GLU B 15 -21.32 10.31 -15.24
N VAL B 16 -20.50 9.26 -15.17
CA VAL B 16 -19.83 8.90 -13.93
C VAL B 16 -18.32 9.12 -14.03
N LYS B 17 -17.74 9.72 -13.00
CA LYS B 17 -16.30 9.95 -12.97
C LYS B 17 -15.56 8.67 -12.64
N LEU B 18 -14.54 8.35 -13.42
CA LEU B 18 -13.77 7.13 -13.25
C LEU B 18 -12.47 7.39 -12.48
N GLY B 19 -11.82 8.51 -12.79
CA GLY B 19 -10.60 8.88 -12.12
C GLY B 19 -10.21 10.30 -12.43
N GLN B 20 -9.20 10.81 -11.73
CA GLN B 20 -8.72 12.17 -11.95
C GLN B 20 -7.25 12.33 -11.60
N GLY B 21 -6.45 12.73 -12.58
CA GLY B 21 -5.03 12.97 -12.37
C GLY B 21 -4.77 14.43 -12.05
N CYS B 22 -3.51 14.84 -12.13
CA CYS B 22 -3.14 16.22 -11.86
C CYS B 22 -3.11 17.05 -13.14
N PHE B 23 -3.87 16.61 -14.14
CA PHE B 23 -3.95 17.32 -15.41
C PHE B 23 -5.37 17.33 -15.97
N GLY B 24 -6.20 16.43 -15.46
CA GLY B 24 -7.57 16.34 -15.91
C GLY B 24 -8.35 15.22 -15.24
N GLU B 25 -9.46 14.83 -15.85
CA GLU B 25 -10.31 13.77 -15.33
C GLU B 25 -10.68 12.79 -16.43
N VAL B 26 -11.24 11.65 -16.03
CA VAL B 26 -11.74 10.67 -16.99
C VAL B 26 -13.15 10.21 -16.63
N TRP B 27 -14.07 10.32 -17.59
CA TRP B 27 -15.47 10.02 -17.36
C TRP B 27 -15.98 8.90 -18.26
N MET B 28 -17.02 8.19 -17.78
CA MET B 28 -17.74 7.25 -18.61
C MET B 28 -18.98 7.95 -19.15
N GLY B 29 -19.24 7.79 -20.44
CA GLY B 29 -20.37 8.46 -21.05
C GLY B 29 -20.86 7.83 -22.34
N THR B 30 -21.51 8.64 -23.17
CA THR B 30 -22.03 8.16 -24.45
C THR B 30 -21.51 8.98 -25.62
N TRP B 31 -21.58 8.40 -26.81
CA TRP B 31 -21.23 9.09 -28.04
C TRP B 31 -22.35 8.85 -29.05
N ASN B 32 -22.94 9.93 -29.53
CA ASN B 32 -24.11 9.87 -30.42
C ASN B 32 -25.27 9.11 -29.79
N GLY B 33 -25.32 9.12 -28.46
CA GLY B 33 -26.40 8.48 -27.72
C GLY B 33 -26.22 7.00 -27.48
N THR B 34 -25.76 6.28 -28.50
CA THR B 34 -25.71 4.82 -28.45
C THR B 34 -24.35 4.26 -28.03
N THR B 35 -23.27 4.90 -28.47
CA THR B 35 -21.92 4.37 -28.26
C THR B 35 -21.39 4.62 -26.86
N ARG B 36 -21.16 3.54 -26.11
CA ARG B 36 -20.53 3.63 -24.80
C ARG B 36 -19.07 4.01 -24.95
N VAL B 37 -18.65 5.08 -24.29
CA VAL B 37 -17.29 5.57 -24.44
C VAL B 37 -16.65 6.02 -23.12
N ALA B 38 -15.40 6.43 -23.20
CA ALA B 38 -14.70 7.05 -22.08
C ALA B 38 -14.17 8.40 -22.52
N ILE B 39 -14.30 9.41 -21.65
CA ILE B 39 -13.91 10.76 -22.02
C ILE B 39 -12.74 11.25 -21.16
N LYS B 40 -11.74 11.86 -21.81
CA LYS B 40 -10.65 12.49 -21.09
C LYS B 40 -10.80 14.00 -21.13
N THR B 41 -10.75 14.63 -19.96
CA THR B 41 -10.92 16.07 -19.86
C THR B 41 -9.61 16.78 -19.50
N LEU B 42 -9.64 18.10 -19.53
CA LEU B 42 -8.47 18.92 -19.26
C LEU B 42 -8.79 19.97 -18.21
N LYS B 43 -7.86 20.20 -17.29
CA LYS B 43 -8.02 21.22 -16.27
C LYS B 43 -7.21 22.47 -16.60
N PRO B 44 -7.91 23.55 -16.98
CA PRO B 44 -7.28 24.84 -17.30
C PRO B 44 -6.61 25.45 -16.07
N THR B 46 -1.38 23.66 -15.44
CA THR B 46 -1.37 22.45 -16.25
C THR B 46 -1.36 22.79 -17.73
N MET B 47 -1.65 21.79 -18.57
CA MET B 47 -1.88 22.02 -19.99
C MET B 47 -3.11 22.92 -20.11
N SER B 48 -3.12 23.91 -21.00
CA SER B 48 -2.10 24.26 -22.00
C SER B 48 -1.86 23.24 -23.12
N PRO B 49 -2.78 23.22 -24.10
CA PRO B 49 -2.68 22.44 -25.34
C PRO B 49 -1.64 23.07 -26.27
N GLU B 50 -1.15 22.35 -27.28
CA GLU B 50 -1.58 20.99 -27.61
C GLU B 50 -0.75 19.92 -26.92
N ALA B 51 -0.28 20.22 -25.71
CA ALA B 51 0.42 19.22 -24.91
C ALA B 51 -0.57 18.13 -24.50
N PHE B 52 -1.82 18.54 -24.27
CA PHE B 52 -2.89 17.61 -23.96
C PHE B 52 -3.34 16.90 -25.23
N LEU B 53 -3.09 17.53 -26.37
CA LEU B 53 -3.51 17.02 -27.66
C LEU B 53 -2.35 16.37 -28.40
N GLN B 54 -1.33 15.96 -27.65
CA GLN B 54 -0.16 15.33 -28.24
C GLN B 54 -0.25 13.80 -28.13
N GLU B 55 -0.85 13.33 -27.04
CA GLU B 55 -1.00 11.91 -26.79
C GLU B 55 -2.01 11.29 -27.77
N ALA B 56 -2.88 12.12 -28.32
CA ALA B 56 -3.91 11.65 -29.24
C ALA B 56 -3.42 11.63 -30.68
N GLN B 57 -2.23 12.20 -30.91
CA GLN B 57 -1.65 12.23 -32.25
C GLN B 57 -1.26 10.83 -32.72
N VAL B 58 -0.66 10.07 -31.81
CA VAL B 58 -0.20 8.72 -32.13
C VAL B 58 -1.32 7.70 -32.07
N MET B 59 -2.42 8.07 -31.42
CA MET B 59 -3.57 7.17 -31.29
C MET B 59 -4.39 7.14 -32.59
N LYS B 60 -3.95 7.93 -33.56
CA LYS B 60 -4.58 7.95 -34.87
C LYS B 60 -3.87 6.98 -35.82
N LYS B 61 -2.55 6.96 -35.73
CA LYS B 61 -1.74 6.12 -36.62
C LYS B 61 -1.46 4.74 -36.03
N LEU B 62 -2.10 4.44 -34.91
CA LEU B 62 -1.91 3.14 -34.25
C LEU B 62 -3.25 2.48 -33.92
N ARG B 63 -3.49 1.33 -34.54
CA ARG B 63 -4.73 0.59 -34.31
C ARG B 63 -4.45 -0.90 -34.09
N HIS B 64 -4.69 -1.37 -32.87
CA HIS B 64 -4.44 -2.76 -32.53
C HIS B 64 -5.39 -3.23 -31.43
N GLU B 65 -5.72 -4.52 -31.46
CA GLU B 65 -6.66 -5.11 -30.52
C GLU B 65 -6.23 -4.94 -29.06
N LYS B 66 -4.93 -4.97 -28.80
CA LYS B 66 -4.41 -4.85 -27.44
C LYS B 66 -3.93 -3.43 -27.16
N LEU B 67 -4.41 -2.48 -27.96
CA LEU B 67 -4.15 -1.07 -27.73
C LEU B 67 -5.47 -0.35 -27.53
N VAL B 68 -5.57 0.43 -26.46
CA VAL B 68 -6.78 1.19 -26.18
C VAL B 68 -7.07 2.15 -27.33
N GLN B 69 -8.23 1.98 -27.95
CA GLN B 69 -8.52 2.67 -29.21
C GLN B 69 -9.07 4.09 -29.01
N LEU B 70 -8.64 5.00 -29.87
CA LEU B 70 -9.17 6.35 -29.91
C LEU B 70 -10.40 6.38 -30.81
N TYR B 71 -11.46 7.02 -30.36
CA TYR B 71 -12.68 7.11 -31.14
C TYR B 71 -12.79 8.45 -31.84
N ALA B 72 -12.69 9.53 -31.05
CA ALA B 72 -12.81 10.88 -31.59
C ALA B 72 -12.15 11.91 -30.68
N VAL B 73 -12.15 13.17 -31.10
CA VAL B 73 -11.51 14.23 -30.35
C VAL B 73 -12.19 15.58 -30.56
N VAL B 74 -12.10 16.46 -29.57
CA VAL B 74 -12.64 17.81 -29.67
C VAL B 74 -11.55 18.83 -29.36
N SER B 75 -11.06 19.49 -30.40
CA SER B 75 -9.90 20.38 -30.26
C SER B 75 -10.26 21.83 -29.98
N GLU B 76 -11.47 22.06 -29.49
CA GLU B 76 -11.90 23.39 -29.11
C GLU B 76 -12.28 23.41 -27.63
N GLU B 77 -11.64 24.31 -26.87
CA GLU B 77 -11.87 24.39 -25.43
C GLU B 77 -13.35 24.63 -25.10
N PRO B 78 -13.91 23.82 -24.18
CA PRO B 78 -13.28 22.73 -23.41
C PRO B 78 -12.88 21.52 -24.26
N ILE B 79 -11.63 21.10 -24.12
CA ILE B 79 -11.08 20.00 -24.91
C ILE B 79 -11.44 18.63 -24.33
N TYR B 80 -11.83 17.70 -25.19
CA TYR B 80 -12.16 16.35 -24.76
C TYR B 80 -11.53 15.30 -25.67
N ILE B 81 -11.23 14.13 -25.09
CA ILE B 81 -10.71 13.00 -25.85
C ILE B 81 -11.59 11.77 -25.65
N VAL B 82 -12.13 11.25 -26.75
CA VAL B 82 -13.05 10.12 -26.68
C VAL B 82 -12.35 8.82 -27.12
N GLY B 83 -12.55 7.76 -26.35
CA GLY B 83 -11.95 6.49 -26.67
C GLY B 83 -12.61 5.28 -26.04
N GLU B 84 -11.96 4.14 -26.15
CA GLU B 84 -12.49 2.88 -25.65
C GLU B 84 -12.60 2.85 -24.13
N TYR B 85 -13.70 2.30 -23.62
CA TYR B 85 -13.94 2.22 -22.19
C TYR B 85 -13.43 0.94 -21.58
N MET B 86 -12.56 1.06 -20.58
CA MET B 86 -12.00 -0.09 -19.88
C MET B 86 -12.56 -0.15 -18.46
N SER B 87 -13.51 -1.06 -18.25
CA SER B 87 -14.33 -1.06 -17.03
C SER B 87 -13.60 -1.30 -15.71
N LYS B 88 -12.41 -1.89 -15.76
CA LYS B 88 -11.71 -2.29 -14.54
C LYS B 88 -10.61 -1.32 -14.11
N GLY B 89 -10.37 -0.29 -14.91
CA GLY B 89 -9.36 0.71 -14.59
C GLY B 89 -7.96 0.21 -14.88
N SER B 90 -6.97 0.79 -14.21
CA SER B 90 -5.58 0.43 -14.43
C SER B 90 -5.25 -0.96 -13.89
N LEU B 91 -4.25 -1.59 -14.48
CA LEU B 91 -3.82 -2.92 -14.08
C LEU B 91 -3.28 -2.94 -12.65
N LEU B 92 -2.67 -1.83 -12.24
CA LEU B 92 -2.09 -1.73 -10.91
C LEU B 92 -3.17 -1.72 -9.84
N ASP B 93 -4.21 -0.92 -10.05
CA ASP B 93 -5.33 -0.85 -9.13
C ASP B 93 -6.06 -2.19 -9.07
N PHE B 94 -6.13 -2.86 -10.21
CA PHE B 94 -6.79 -4.15 -10.33
C PHE B 94 -6.07 -5.22 -9.52
N LEU B 95 -4.73 -5.19 -9.56
CA LEU B 95 -3.91 -6.13 -8.80
C LEU B 95 -4.00 -5.87 -7.31
N LYS B 96 -3.87 -4.60 -6.92
CA LYS B 96 -3.91 -4.24 -5.51
C LYS B 96 -5.30 -4.45 -4.93
N GLY B 97 -6.32 -4.27 -5.77
CA GLY B 97 -7.70 -4.30 -5.32
C GLY B 97 -8.22 -5.65 -4.83
N GLU B 98 -9.56 -5.79 -4.87
CA GLU B 98 -10.23 -6.97 -4.35
C GLU B 98 -9.89 -8.25 -5.12
N MET B 99 -9.64 -8.09 -6.41
CA MET B 99 -9.43 -9.24 -7.29
C MET B 99 -8.05 -9.87 -7.09
N GLY B 100 -7.14 -9.14 -6.45
CA GLY B 100 -5.78 -9.59 -6.25
C GLY B 100 -5.65 -10.95 -5.58
N LYS B 101 -6.40 -11.16 -4.51
CA LYS B 101 -6.32 -12.40 -3.73
C LYS B 101 -6.68 -13.65 -4.54
N TYR B 102 -7.45 -13.46 -5.61
CA TYR B 102 -8.00 -14.58 -6.36
C TYR B 102 -7.22 -14.92 -7.64
N LEU B 103 -6.41 -13.96 -8.10
CA LEU B 103 -5.60 -14.18 -9.29
C LEU B 103 -4.49 -15.20 -9.06
N ARG B 104 -4.33 -16.11 -10.01
CA ARG B 104 -3.26 -17.10 -9.97
C ARG B 104 -2.38 -16.94 -11.20
N LEU B 105 -1.32 -17.73 -11.28
CA LEU B 105 -0.37 -17.65 -12.38
C LEU B 105 -0.97 -17.76 -13.80
N PRO B 106 -1.90 -18.72 -14.03
CA PRO B 106 -2.48 -18.81 -15.38
C PRO B 106 -3.14 -17.52 -15.87
N GLN B 107 -3.73 -16.76 -14.96
CA GLN B 107 -4.37 -15.48 -15.32
C GLN B 107 -3.33 -14.38 -15.52
N LEU B 108 -2.35 -14.34 -14.63
CA LEU B 108 -1.31 -13.31 -14.66
C LEU B 108 -0.45 -13.44 -15.91
N VAL B 109 -0.04 -14.65 -16.24
CA VAL B 109 0.79 -14.91 -17.41
C VAL B 109 0.00 -14.58 -18.68
N ASP B 110 -1.28 -14.94 -18.67
CA ASP B 110 -2.15 -14.68 -19.81
C ASP B 110 -2.30 -13.19 -20.09
N MET B 111 -2.40 -12.41 -19.02
CA MET B 111 -2.51 -10.95 -19.15
C MET B 111 -1.22 -10.36 -19.71
N ALA B 112 -0.08 -10.91 -19.28
CA ALA B 112 1.22 -10.44 -19.73
C ALA B 112 1.41 -10.74 -21.21
N ALA B 113 0.76 -11.81 -21.67
CA ALA B 113 0.83 -12.19 -23.08
C ALA B 113 0.16 -11.15 -23.97
N GLN B 114 -1.03 -10.70 -23.56
CA GLN B 114 -1.78 -9.70 -24.30
C GLN B 114 -0.99 -8.39 -24.39
N ILE B 115 -0.41 -7.99 -23.27
CA ILE B 115 0.41 -6.79 -23.21
C ILE B 115 1.60 -6.92 -24.14
N ALA B 116 2.23 -8.09 -24.13
CA ALA B 116 3.35 -8.39 -25.02
C ALA B 116 2.90 -8.32 -26.47
N SER B 117 1.69 -8.80 -26.73
CA SER B 117 1.13 -8.75 -28.08
C SER B 117 0.94 -7.31 -28.54
N GLY B 118 0.47 -6.46 -27.64
CA GLY B 118 0.31 -5.05 -27.94
C GLY B 118 1.65 -4.39 -28.18
N MET B 119 2.64 -4.75 -27.37
CA MET B 119 3.99 -4.21 -27.51
C MET B 119 4.69 -4.80 -28.73
N ALA B 120 4.24 -5.97 -29.16
CA ALA B 120 4.76 -6.58 -30.37
C ALA B 120 4.34 -5.75 -31.58
N TYR B 121 3.10 -5.24 -31.53
CA TYR B 121 2.60 -4.35 -32.57
C TYR B 121 3.37 -3.03 -32.55
N VAL B 122 3.80 -2.62 -31.37
CA VAL B 122 4.57 -1.39 -31.21
C VAL B 122 5.94 -1.46 -31.90
N GLU B 123 6.68 -2.53 -31.64
CA GLU B 123 7.99 -2.71 -32.26
C GLU B 123 7.84 -2.96 -33.75
N ARG B 124 6.68 -3.47 -34.15
CA ARG B 124 6.39 -3.78 -35.54
C ARG B 124 6.18 -2.48 -36.33
N MET B 125 5.62 -1.47 -35.66
CA MET B 125 5.38 -0.18 -36.29
C MET B 125 6.53 0.79 -36.04
N ASN B 126 7.57 0.31 -35.38
CA ASN B 126 8.76 1.10 -35.07
C ASN B 126 8.52 2.29 -34.16
N TYR B 127 7.76 2.08 -33.09
CA TYR B 127 7.53 3.12 -32.10
C TYR B 127 8.09 2.71 -30.74
N VAL B 128 8.11 3.64 -29.79
CA VAL B 128 8.61 3.36 -28.45
C VAL B 128 7.68 3.91 -27.38
N HIS B 129 7.15 3.02 -26.54
CA HIS B 129 6.33 3.41 -25.41
C HIS B 129 7.24 3.58 -24.19
N ARG B 130 7.67 4.81 -23.96
CA ARG B 130 8.71 5.10 -22.97
C ARG B 130 8.33 4.76 -21.52
N ASP B 131 7.04 4.81 -21.21
CA ASP B 131 6.60 4.56 -19.83
C ASP B 131 5.73 3.32 -19.71
N LEU B 132 6.28 2.18 -20.13
CA LEU B 132 5.57 0.91 -20.03
C LEU B 132 5.58 0.38 -18.60
N ARG B 133 4.41 0.36 -17.97
CA ARG B 133 4.26 -0.20 -16.62
C ARG B 133 2.79 -0.46 -16.28
N ALA B 134 2.57 -1.18 -15.19
CA ALA B 134 1.22 -1.60 -14.79
C ALA B 134 0.25 -0.45 -14.62
N ALA B 135 0.76 0.70 -14.19
CA ALA B 135 -0.06 1.89 -14.01
C ALA B 135 -0.61 2.35 -15.35
N ASN B 136 0.16 2.16 -16.40
CA ASN B 136 -0.24 2.57 -17.75
C ASN B 136 -0.86 1.43 -18.55
N ILE B 137 -1.42 0.45 -17.85
CA ILE B 137 -2.10 -0.66 -18.48
C ILE B 137 -3.56 -0.72 -18.02
N LEU B 138 -4.48 -0.63 -18.96
CA LEU B 138 -5.90 -0.66 -18.64
C LEU B 138 -6.48 -2.06 -18.75
N VAL B 139 -7.38 -2.40 -17.84
CA VAL B 139 -8.02 -3.70 -17.85
C VAL B 139 -9.51 -3.56 -18.14
N GLY B 140 -10.01 -4.39 -19.06
CA GLY B 140 -11.42 -4.43 -19.37
C GLY B 140 -12.10 -5.63 -18.76
N GLU B 141 -13.24 -6.02 -19.31
CA GLU B 141 -13.95 -7.22 -18.85
C GLU B 141 -13.20 -8.46 -19.31
N ASN B 142 -13.34 -9.53 -18.52
CA ASN B 142 -12.74 -10.83 -18.85
C ASN B 142 -11.21 -10.78 -18.98
N LEU B 143 -10.57 -10.10 -18.04
CA LEU B 143 -9.11 -10.04 -17.96
C LEU B 143 -8.43 -9.58 -19.25
N VAL B 144 -9.10 -8.70 -20.00
CA VAL B 144 -8.50 -8.13 -21.20
C VAL B 144 -7.64 -6.93 -20.82
N CYS B 145 -6.38 -6.98 -21.20
CA CYS B 145 -5.43 -5.92 -20.87
C CYS B 145 -4.90 -5.23 -22.12
N LYS B 146 -4.80 -3.91 -22.08
CA LYS B 146 -4.33 -3.13 -23.22
C LYS B 146 -3.36 -2.03 -22.81
N VAL B 147 -2.48 -1.64 -23.73
CA VAL B 147 -1.53 -0.56 -23.49
C VAL B 147 -2.25 0.79 -23.57
N ALA B 148 -1.98 1.66 -22.60
CA ALA B 148 -2.75 2.90 -22.48
C ALA B 148 -1.96 4.18 -22.79
N ASP B 149 -1.36 4.78 -21.77
CA ASP B 149 -0.75 6.10 -21.86
C ASP B 149 0.28 6.22 -22.98
N PHE B 150 -0.13 6.83 -24.09
CA PHE B 150 0.73 7.00 -25.27
C PHE B 150 1.33 8.41 -25.32
N GLY B 151 1.43 9.05 -24.17
CA GLY B 151 1.90 10.42 -24.10
C GLY B 151 3.35 10.63 -24.50
N LEU B 152 4.14 9.55 -24.46
CA LEU B 152 5.56 9.65 -24.75
C LEU B 152 5.98 8.78 -25.94
N ALA B 153 4.99 8.32 -26.71
CA ALA B 153 5.26 7.48 -27.87
C ALA B 153 5.98 8.24 -28.98
N ARG B 154 7.24 7.91 -29.19
CA ARG B 154 8.05 8.59 -30.20
C ARG B 154 8.15 7.78 -31.50
N LEU B 155 8.55 8.45 -32.57
CA LEU B 155 8.59 7.84 -33.91
C LEU B 155 9.96 7.26 -34.26
N ILE B 156 10.77 6.98 -33.23
CA ILE B 156 12.12 6.45 -33.38
C ILE B 156 12.95 7.16 -34.46
N LYS B 168 10.84 7.29 -18.24
CA LYS B 168 11.82 8.35 -18.11
C LYS B 168 12.09 8.66 -16.63
N PHE B 169 11.08 9.14 -15.93
CA PHE B 169 11.20 9.47 -14.51
C PHE B 169 11.15 8.27 -13.57
N PRO B 170 10.19 7.34 -13.78
CA PRO B 170 10.25 6.15 -12.92
C PRO B 170 11.49 5.30 -13.22
N ILE B 171 12.57 5.55 -12.48
CA ILE B 171 13.83 4.85 -12.68
C ILE B 171 13.69 3.34 -12.47
N LYS B 172 12.83 2.95 -11.53
CA LYS B 172 12.63 1.54 -11.21
C LYS B 172 12.07 0.75 -12.40
N TRP B 173 11.30 1.42 -13.25
CA TRP B 173 10.72 0.78 -14.42
C TRP B 173 11.52 1.08 -15.68
N THR B 174 12.47 2.00 -15.57
CA THR B 174 13.23 2.47 -16.72
C THR B 174 14.54 1.73 -16.90
N ALA B 175 14.87 1.42 -18.15
CA ALA B 175 16.15 0.80 -18.48
C ALA B 175 17.30 1.74 -18.10
N PRO B 176 18.41 1.17 -17.63
CA PRO B 176 19.57 1.95 -17.17
C PRO B 176 20.21 2.79 -18.26
N GLU B 177 20.26 2.27 -19.49
CA GLU B 177 20.83 3.02 -20.61
C GLU B 177 19.92 4.15 -21.04
N ALA B 178 18.65 4.08 -20.63
CA ALA B 178 17.68 5.11 -20.97
C ALA B 178 17.54 6.13 -19.85
N ALA B 179 17.87 5.71 -18.64
CA ALA B 179 17.77 6.58 -17.47
C ALA B 179 19.02 7.42 -17.29
N LEU B 180 20.08 7.06 -18.00
CA LEU B 180 21.36 7.78 -17.89
C LEU B 180 21.67 8.58 -19.14
N TYR B 181 21.49 7.95 -20.30
CA TYR B 181 21.93 8.54 -21.56
C TYR B 181 20.76 8.93 -22.46
N GLY B 182 19.57 8.42 -22.12
CA GLY B 182 18.38 8.74 -22.87
C GLY B 182 18.22 7.91 -24.13
N ARG B 183 18.85 6.73 -24.15
CA ARG B 183 18.69 5.81 -25.28
C ARG B 183 17.42 4.99 -25.16
N PHE B 184 16.30 5.60 -25.52
CA PHE B 184 15.00 4.93 -25.47
C PHE B 184 14.72 4.15 -26.75
N THR B 185 15.08 2.87 -26.73
CA THR B 185 14.77 1.97 -27.83
C THR B 185 13.63 1.04 -27.43
N ILE B 186 13.24 0.16 -28.34
CA ILE B 186 12.23 -0.85 -28.03
C ILE B 186 12.80 -1.85 -27.02
N LYS B 187 14.13 -1.96 -26.99
CA LYS B 187 14.82 -2.83 -26.05
C LYS B 187 14.78 -2.23 -24.64
N SER B 188 14.51 -0.94 -24.57
CA SER B 188 14.34 -0.27 -23.28
C SER B 188 12.96 -0.62 -22.70
N ASP B 189 12.01 -0.89 -23.59
CA ASP B 189 10.68 -1.28 -23.19
C ASP B 189 10.68 -2.72 -22.69
N VAL B 190 11.56 -3.54 -23.26
CA VAL B 190 11.69 -4.92 -22.85
C VAL B 190 12.11 -5.00 -21.39
N TRP B 191 12.98 -4.06 -20.98
CA TRP B 191 13.40 -3.95 -19.59
C TRP B 191 12.20 -3.69 -18.70
N SER B 192 11.36 -2.73 -19.10
CA SER B 192 10.18 -2.35 -18.33
C SER B 192 9.19 -3.50 -18.24
N PHE B 193 9.09 -4.27 -19.31
CA PHE B 193 8.20 -5.42 -19.36
C PHE B 193 8.65 -6.47 -18.34
N GLY B 194 9.95 -6.56 -18.12
CA GLY B 194 10.49 -7.44 -17.10
C GLY B 194 10.13 -6.95 -15.71
N ILE B 195 10.11 -5.64 -15.52
CA ILE B 195 9.70 -5.05 -14.26
C ILE B 195 8.20 -5.23 -14.09
N LEU B 196 7.48 -5.21 -15.20
CA LEU B 196 6.04 -5.44 -15.20
C LEU B 196 5.70 -6.86 -14.77
N LEU B 197 6.60 -7.79 -15.10
CA LEU B 197 6.40 -9.20 -14.74
C LEU B 197 6.58 -9.43 -13.24
N THR B 198 7.35 -8.57 -12.58
CA THR B 198 7.52 -8.67 -11.14
C THR B 198 6.31 -8.10 -10.42
N GLU B 199 5.63 -7.16 -11.08
CA GLU B 199 4.43 -6.57 -10.51
C GLU B 199 3.27 -7.55 -10.56
N LEU B 200 3.17 -8.28 -11.67
CA LEU B 200 2.13 -9.28 -11.83
C LEU B 200 2.31 -10.45 -10.85
N THR B 201 3.57 -10.80 -10.58
CA THR B 201 3.85 -11.96 -9.73
C THR B 201 3.90 -11.60 -8.24
N THR B 202 3.77 -10.31 -7.94
CA THR B 202 3.66 -9.87 -6.55
C THR B 202 2.33 -9.17 -6.36
N LYS B 203 1.56 -9.09 -7.45
CA LYS B 203 0.23 -8.49 -7.44
C LYS B 203 0.22 -7.01 -7.08
N GLY B 204 1.03 -6.24 -7.78
CA GLY B 204 0.97 -4.79 -7.70
C GLY B 204 1.89 -4.14 -6.69
N ARG B 205 2.91 -4.86 -6.25
CA ARG B 205 3.87 -4.31 -5.28
C ARG B 205 5.03 -3.61 -5.98
N VAL B 206 5.51 -2.53 -5.36
CA VAL B 206 6.57 -1.71 -5.94
C VAL B 206 7.89 -2.47 -6.03
N PRO B 207 8.49 -2.50 -7.23
CA PRO B 207 9.77 -3.18 -7.45
C PRO B 207 10.89 -2.57 -6.60
N TYR B 208 11.89 -3.40 -6.29
CA TYR B 208 12.98 -3.02 -5.37
C TYR B 208 12.44 -2.48 -4.05
N PRO B 209 11.72 -3.32 -3.29
CA PRO B 209 11.15 -2.84 -2.03
C PRO B 209 12.22 -2.53 -1.00
N GLY B 210 12.13 -1.36 -0.36
CA GLY B 210 13.11 -0.95 0.63
C GLY B 210 14.25 -0.16 0.01
N MET B 211 14.23 -0.05 -1.32
CA MET B 211 15.26 0.70 -2.03
C MET B 211 14.69 1.97 -2.64
N VAL B 212 15.39 3.08 -2.42
CA VAL B 212 14.99 4.36 -3.00
C VAL B 212 15.62 4.52 -4.38
N ASN B 213 15.23 5.56 -5.10
CA ASN B 213 15.67 5.78 -6.48
C ASN B 213 17.18 5.74 -6.71
N ARG B 214 17.92 6.47 -5.88
CA ARG B 214 19.36 6.62 -6.08
C ARG B 214 20.13 5.31 -5.92
N GLU B 215 19.78 4.53 -4.91
CA GLU B 215 20.46 3.26 -4.68
C GLU B 215 20.08 2.19 -5.69
N VAL B 216 18.88 2.31 -6.26
CA VAL B 216 18.43 1.37 -7.28
C VAL B 216 19.28 1.48 -8.54
N LEU B 217 19.44 2.72 -9.02
CA LEU B 217 20.25 2.97 -10.20
C LEU B 217 21.71 2.58 -9.97
N ASP B 218 22.14 2.67 -8.72
CA ASP B 218 23.50 2.29 -8.35
C ASP B 218 23.64 0.76 -8.32
N GLN B 219 22.71 0.10 -7.63
CA GLN B 219 22.74 -1.36 -7.50
C GLN B 219 22.63 -2.05 -8.84
N VAL B 220 21.72 -1.57 -9.69
CA VAL B 220 21.50 -2.15 -11.00
C VAL B 220 22.76 -2.08 -11.87
N GLU B 221 23.43 -0.94 -11.83
CA GLU B 221 24.64 -0.73 -12.62
C GLU B 221 25.74 -1.72 -12.24
N ARG B 222 25.82 -2.06 -10.96
CA ARG B 222 26.78 -3.05 -10.50
C ARG B 222 26.37 -4.47 -10.88
N GLY B 223 25.11 -4.62 -11.30
CA GLY B 223 24.63 -5.89 -11.81
C GLY B 223 23.54 -6.53 -10.98
N TYR B 224 23.08 -5.83 -9.94
CA TYR B 224 22.01 -6.37 -9.09
C TYR B 224 20.69 -6.51 -9.85
N ARG B 225 20.08 -7.67 -9.72
CA ARG B 225 18.77 -7.92 -10.31
C ARG B 225 17.81 -8.37 -9.22
N MET B 226 16.52 -8.07 -9.39
CA MET B 226 15.51 -8.48 -8.42
C MET B 226 15.44 -10.01 -8.34
N PRO B 227 15.37 -10.55 -7.12
CA PRO B 227 15.34 -11.99 -6.91
C PRO B 227 14.03 -12.61 -7.37
N CYS B 228 13.96 -13.93 -7.35
CA CYS B 228 12.74 -14.64 -7.72
C CYS B 228 11.67 -14.42 -6.67
N PRO B 229 10.51 -13.88 -7.09
CA PRO B 229 9.38 -13.64 -6.18
C PRO B 229 8.89 -14.96 -5.58
N PRO B 230 8.29 -14.92 -4.38
CA PRO B 230 7.77 -16.12 -3.73
C PRO B 230 6.73 -16.84 -4.60
N GLU B 231 6.81 -18.17 -4.62
CA GLU B 231 5.90 -19.01 -5.40
C GLU B 231 5.96 -18.78 -6.92
N CYS B 232 6.95 -18.02 -7.37
CA CYS B 232 7.16 -17.81 -8.79
C CYS B 232 8.15 -18.83 -9.33
N PRO B 233 7.85 -19.44 -10.48
CA PRO B 233 8.72 -20.44 -11.12
C PRO B 233 10.06 -19.86 -11.52
N GLU B 234 11.09 -20.69 -11.58
CA GLU B 234 12.41 -20.27 -12.02
C GLU B 234 12.37 -19.91 -13.50
N SER B 235 11.63 -20.70 -14.26
CA SER B 235 11.51 -20.51 -15.71
C SER B 235 10.92 -19.17 -16.09
N LEU B 236 10.11 -18.61 -15.20
CA LEU B 236 9.53 -17.29 -15.45
C LEU B 236 10.50 -16.20 -15.03
N HIS B 237 11.25 -16.44 -13.95
CA HIS B 237 12.23 -15.47 -13.48
C HIS B 237 13.39 -15.35 -14.46
N ASP B 238 13.71 -16.45 -15.13
CA ASP B 238 14.77 -16.44 -16.13
C ASP B 238 14.39 -15.53 -17.29
N LEU B 239 13.10 -15.50 -17.61
CA LEU B 239 12.59 -14.63 -18.65
C LEU B 239 12.79 -13.17 -18.27
N MET B 240 12.64 -12.88 -16.98
CA MET B 240 12.85 -11.54 -16.46
C MET B 240 14.31 -11.14 -16.59
N CYS B 241 15.20 -12.07 -16.25
CA CYS B 241 16.64 -11.82 -16.32
C CYS B 241 17.09 -11.56 -17.75
N GLN B 242 16.40 -12.17 -18.71
CA GLN B 242 16.70 -11.96 -20.12
C GLN B 242 16.21 -10.58 -20.57
N CYS B 243 15.16 -10.08 -19.91
CA CYS B 243 14.67 -8.74 -20.18
C CYS B 243 15.54 -7.70 -19.49
N TRP B 244 16.35 -8.17 -18.54
CA TRP B 244 17.19 -7.28 -17.75
C TRP B 244 18.68 -7.37 -18.10
N ARG B 245 18.99 -7.91 -19.27
CA ARG B 245 20.38 -8.02 -19.72
C ARG B 245 21.02 -6.64 -19.88
N LYS B 246 22.30 -6.56 -19.54
CA LYS B 246 23.05 -5.31 -19.62
C LYS B 246 23.09 -4.76 -21.04
N ASP B 247 23.41 -5.63 -22.00
CA ASP B 247 23.39 -5.24 -23.41
C ASP B 247 21.96 -5.33 -23.94
N PRO B 248 21.36 -4.18 -24.27
CA PRO B 248 19.96 -4.09 -24.69
C PRO B 248 19.63 -4.94 -25.92
N GLU B 249 20.60 -5.15 -26.80
CA GLU B 249 20.36 -5.89 -28.03
C GLU B 249 20.29 -7.39 -27.80
N GLU B 250 20.74 -7.84 -26.64
CA GLU B 250 20.72 -9.26 -26.30
C GLU B 250 19.42 -9.63 -25.59
N ARG B 251 18.57 -8.64 -25.37
CA ARG B 251 17.26 -8.86 -24.79
C ARG B 251 16.30 -9.36 -25.87
N PRO B 252 15.35 -10.22 -25.50
CA PRO B 252 14.40 -10.80 -26.46
C PRO B 252 13.49 -9.72 -27.07
N THR B 253 12.96 -9.99 -28.25
CA THR B 253 11.96 -9.13 -28.85
C THR B 253 10.62 -9.42 -28.19
N PHE B 254 9.62 -8.58 -28.43
CA PHE B 254 8.29 -8.84 -27.91
C PHE B 254 7.65 -10.00 -28.68
N GLU B 255 8.10 -10.20 -29.91
CA GLU B 255 7.66 -11.32 -30.74
C GLU B 255 7.98 -12.63 -30.04
N TYR B 256 9.16 -12.69 -29.44
CA TYR B 256 9.57 -13.86 -28.67
C TYR B 256 8.76 -13.97 -27.38
N LEU B 257 8.70 -12.86 -26.64
CA LEU B 257 8.00 -12.81 -25.36
C LEU B 257 6.54 -13.24 -25.46
N GLN B 258 5.85 -12.81 -26.52
CA GLN B 258 4.45 -13.15 -26.70
C GLN B 258 4.28 -14.66 -26.89
N ALA B 259 5.06 -15.21 -27.80
CA ALA B 259 4.98 -16.65 -28.09
C ALA B 259 5.39 -17.49 -26.88
N PHE B 260 6.29 -16.96 -26.06
CA PHE B 260 6.75 -17.67 -24.88
C PHE B 260 5.66 -17.76 -23.82
N LEU B 261 4.95 -16.66 -23.62
CA LEU B 261 3.92 -16.59 -22.58
C LEU B 261 2.65 -17.35 -22.97
N GLU B 262 2.34 -17.34 -24.26
CA GLU B 262 1.18 -18.08 -24.77
C GLU B 262 1.37 -19.59 -24.61
N ASP B 263 2.60 -20.05 -24.79
CA ASP B 263 2.91 -21.48 -24.76
C ASP B 263 3.39 -21.94 -23.39
N TYR B 264 3.29 -21.05 -22.39
CA TYR B 264 3.96 -21.26 -21.10
C TYR B 264 3.62 -22.58 -20.40
N PHE B 265 2.34 -22.82 -20.16
CA PHE B 265 1.92 -23.97 -19.37
C PHE B 265 1.88 -25.28 -20.17
N THR B 266 2.35 -25.23 -21.41
CA THR B 266 2.45 -26.43 -22.24
C THR B 266 3.91 -26.72 -22.58
N SER B 267 4.65 -25.67 -22.96
CA SER B 267 6.03 -25.82 -23.40
C SER B 267 7.04 -25.69 -22.26
N THR B 268 6.73 -24.84 -21.28
CA THR B 268 7.70 -24.52 -20.24
C THR B 268 7.36 -25.15 -18.89
N GLU B 269 6.10 -25.02 -18.48
CA GLU B 269 5.65 -25.61 -17.22
C GLU B 269 4.37 -26.44 -17.39
N PRO B 270 4.51 -27.66 -17.93
CA PRO B 270 3.35 -28.54 -18.12
C PRO B 270 2.85 -29.10 -16.80
N GLN B 271 3.73 -29.18 -15.80
CA GLN B 271 3.37 -29.75 -14.51
C GLN B 271 3.21 -28.67 -13.43
N TYR B 272 2.56 -27.57 -13.78
CA TYR B 272 2.35 -26.48 -12.85
C TYR B 272 1.31 -26.83 -11.79
N GLN B 273 1.72 -26.80 -10.53
CA GLN B 273 0.82 -27.08 -9.42
C GLN B 273 0.49 -25.80 -8.65
N PRO B 274 -0.79 -25.41 -8.64
CA PRO B 274 -1.24 -24.18 -7.99
C PRO B 274 -0.91 -24.14 -6.50
N GLY B 275 -0.52 -22.97 -6.02
CA GLY B 275 -0.12 -22.80 -4.64
C GLY B 275 -1.00 -21.85 -3.86
N GLU B 276 -0.46 -21.30 -2.77
CA GLU B 276 -1.23 -20.45 -1.87
C GLU B 276 -1.57 -19.10 -2.48
N ASN B 277 -0.64 -18.55 -3.25
CA ASN B 277 -0.84 -17.22 -3.85
C ASN B 277 -0.74 -17.20 -5.37
N LEU B 278 0.09 -18.08 -5.92
CA LEU B 278 0.28 -18.15 -7.37
C LEU B 278 -0.17 -19.48 -7.94
C10 29K C . 7.64 2.51 27.89
C13 29K C . 4.91 2.82 28.72
C15 29K C . 4.34 0.57 28.74
C17 29K C . 1.97 0.69 29.46
C20 29K C . 4.23 -0.83 28.68
C22 29K C . 2.61 3.77 29.47
C24 29K C . 0.51 4.18 27.98
C28 29K C . 6.63 6.10 28.44
O01 29K C . 10.03 2.74 27.20
C02 29K C . 9.00 2.02 27.46
N03 29K C . 8.94 0.59 27.38
C04 29K C . 7.63 0.16 27.75
C05 29K C . 7.93 -0.71 28.96
C06 29K C . 7.54 -2.18 28.96
C07 29K C . 7.66 -2.80 30.27
C08 29K C . 8.20 -3.01 27.83
C09 29K C . 6.83 1.38 28.06
C11 29K C . 7.10 3.87 28.15
C12 29K C . 5.77 4.00 28.56
C14 29K C . 5.43 1.54 28.49
C16 29K C . 3.20 1.35 29.14
C18 29K C . 1.88 -0.70 29.39
C19 29K C . 3.03 -1.46 28.99
N21 29K C . 3.54 2.67 29.12
C23 29K C . 1.98 4.50 28.30
C25 29K C . 0.25 3.00 27.10
N26 29K C . -1.01 2.94 26.42
N27 29K C . 5.50 5.35 28.72
C29 29K C . 6.86 7.50 28.47
C30 29K C . 8.14 8.02 28.13
C31 29K C . 9.17 7.14 27.76
C32 29K C . 8.95 5.76 27.73
C33 29K C . 7.65 5.23 28.08
C10 29K D . -9.93 4.69 -19.01
C13 29K D . -7.78 6.13 -17.78
C15 29K D . -6.76 6.88 -19.72
C17 29K D . -4.85 8.16 -18.79
C20 29K D . -6.33 7.21 -21.02
C22 29K D . -6.13 7.20 -16.08
C24 29K D . -4.01 6.04 -15.11
C28 29K D . -9.98 4.56 -15.23
O01 29K D . -11.93 3.33 -19.58
C02 29K D . -10.92 4.04 -19.92
N03 29K D . -10.54 4.34 -21.28
C04 29K D . -9.36 5.15 -21.23
C05 29K D . -9.82 6.43 -21.95
C06 29K D . -9.09 6.88 -23.18
C07 29K D . -9.35 8.28 -23.53
C08 29K D . -9.22 5.94 -24.40
C09 29K D . -8.99 5.35 -19.79
C11 29K D . -9.81 4.73 -17.53
C12 29K D . -8.77 5.43 -16.94
C14 29K D . -7.89 6.09 -19.17
C16 29K D . -6.02 7.36 -18.60
C18 29K D . -4.44 8.47 -20.08
C19 29K D . -5.19 7.99 -21.21
N21 29K D . -6.63 6.91 -17.46
C23 29K D . -5.53 6.04 -15.33
C25 29K D . -3.15 5.56 -16.24
N26 29K D . -1.76 5.32 -15.98
N27 29K D . -8.87 5.33 -15.57
C29 29K D . -10.49 4.17 -13.97
C30 29K D . -11.68 3.35 -13.91
C31 29K D . -12.31 2.95 -15.11
C32 29K D . -11.79 3.34 -16.34
C33 29K D . -10.60 4.17 -16.41
#